data_3S7Z
#
_entry.id   3S7Z
#
_cell.length_a   84.826
_cell.length_b   84.826
_cell.length_c   114.127
_cell.angle_alpha   90.00
_cell.angle_beta   90.00
_cell.angle_gamma   120.00
#
_symmetry.space_group_name_H-M   'P 65'
#
loop_
_entity.id
_entity.type
_entity.pdbx_description
1 polymer 'Putative aspartate racemase'
2 branched beta-D-fructofuranose-(2-1)-alpha-D-glucopyranose
3 non-polymer 'SUCCINIC ACID'
4 non-polymer 'MAGNESIUM ION'
5 water water
#
_entity_poly.entity_id   1
_entity_poly.type   'polypeptide(L)'
_entity_poly.pdbx_seq_one_letter_code
;(MSE)HHHHHHSSGVDLGTENLYFQSNA(MSE)KHTIGILGG(MSE)GPAATAD(MSE)LEKFVELRHASCDQQHIPLIV
SSIPDIPDRTACLLSGGPSPYRYLERYLH(MSE)LEDAGAECIVIPCNTAHYWFDDLQNVAKAR(MSE)ISILDATLGDI
PPSARHVGLLATNATLATGLYQKKALARGLTLIQPEDAGQALV(MSE)QAIYTLKRGDKTAAQALLLPQIDSLIARGAQA
II(MSE)GCTEIPLIVAGHERAIACP(MSE)IDSTASLVRAAIRWYESWPDTRASLTGEQRLTA
;
_entity_poly.pdbx_strand_id   A,B
#
loop_
_chem_comp.id
_chem_comp.type
_chem_comp.name
_chem_comp.formula
FRU D-saccharide, beta linking beta-D-fructofuranose 'C6 H12 O6'
GLC D-saccharide, alpha linking alpha-D-glucopyranose 'C6 H12 O6'
MG non-polymer 'MAGNESIUM ION' 'Mg 2'
SIN non-polymer 'SUCCINIC ACID' 'C4 H6 O4'
#
# COMPACT_ATOMS: atom_id res chain seq x y z
N ALA A 24 -10.12 -3.70 16.84
CA ALA A 24 -8.81 -3.95 16.25
C ALA A 24 -8.15 -5.20 16.84
N MSE A 25 -6.90 -5.45 16.46
CA MSE A 25 -6.21 -6.69 16.83
C MSE A 25 -5.12 -6.43 17.86
O MSE A 25 -4.54 -5.35 17.92
CB MSE A 25 -5.63 -7.37 15.59
CG MSE A 25 -5.14 -8.82 15.76
SE MSE A 25 -4.82 -9.64 13.98
CE MSE A 25 -3.40 -10.89 14.41
N LYS A 26 -4.86 -7.44 18.69
CA LYS A 26 -3.75 -7.38 19.63
C LYS A 26 -2.43 -7.07 18.92
N HIS A 27 -1.67 -6.12 19.47
CA HIS A 27 -0.34 -5.79 18.97
C HIS A 27 -0.36 -5.22 17.55
N THR A 28 -1.46 -4.59 17.18
CA THR A 28 -1.55 -3.97 15.85
C THR A 28 -0.52 -2.84 15.68
N ILE A 29 0.06 -2.76 14.48
CA ILE A 29 1.04 -1.73 14.19
C ILE A 29 0.35 -0.63 13.40
N GLY A 30 0.43 0.61 13.89
CA GLY A 30 0.04 1.75 13.10
C GLY A 30 1.15 2.30 12.25
N ILE A 31 0.82 2.72 11.04
CA ILE A 31 1.79 3.34 10.16
C ILE A 31 1.35 4.79 10.02
N LEU A 32 2.18 5.73 10.45
CA LEU A 32 1.76 7.10 10.35
C LEU A 32 2.48 7.59 9.10
N GLY A 33 1.70 7.55 8.03
CA GLY A 33 2.20 7.69 6.68
C GLY A 33 1.75 8.92 5.94
N GLY A 34 1.72 8.78 4.63
CA GLY A 34 1.25 9.81 3.74
C GLY A 34 2.36 10.78 3.44
N MSE A 35 3.57 10.52 3.93
CA MSE A 35 4.67 11.38 3.54
C MSE A 35 5.83 10.70 2.81
O MSE A 35 6.89 10.47 3.42
CB MSE A 35 5.24 11.89 4.88
CG MSE A 35 4.21 12.58 5.80
SE MSE A 35 4.79 12.88 7.65
CE MSE A 35 4.61 11.05 8.33
N GLY A 36 5.78 10.66 1.49
CA GLY A 36 4.53 10.77 0.77
C GLY A 36 3.74 9.47 0.65
N PRO A 37 2.60 9.53 -0.06
CA PRO A 37 1.71 8.36 -0.19
C PRO A 37 2.34 7.19 -0.96
N ALA A 38 3.22 7.48 -1.93
CA ALA A 38 3.85 6.39 -2.68
C ALA A 38 4.74 5.57 -1.76
N ALA A 39 5.43 6.25 -0.85
CA ALA A 39 6.35 5.59 0.07
C ALA A 39 5.58 4.74 1.07
N THR A 40 4.41 5.24 1.46
CA THR A 40 3.53 4.50 2.35
C THR A 40 3.06 3.21 1.67
N ALA A 41 2.69 3.28 0.39
CA ALA A 41 2.26 2.09 -0.33
C ALA A 41 3.42 1.10 -0.43
N ASP A 42 4.61 1.62 -0.69
CA ASP A 42 5.81 0.81 -0.76
C ASP A 42 6.03 0.09 0.58
N MSE A 43 5.79 0.80 1.68
CA MSE A 43 5.96 0.19 2.99
C MSE A 43 5.02 -1.01 3.20
O MSE A 43 5.46 -2.04 3.69
CB MSE A 43 5.82 1.21 4.12
CG MSE A 43 5.93 0.52 5.47
SE MSE A 43 5.92 1.69 7.03
CE MSE A 43 7.75 1.43 7.60
N LEU A 44 3.75 -0.87 2.83
N LEU A 44 3.75 -0.87 2.81
CA LEU A 44 2.79 -1.99 2.93
CA LEU A 44 2.79 -1.98 2.94
C LEU A 44 3.21 -3.20 2.11
C LEU A 44 3.21 -3.19 2.11
N GLU A 45 3.67 -2.95 0.88
CA GLU A 45 4.17 -4.02 0.03
C GLU A 45 5.32 -4.75 0.74
N LYS A 46 6.24 -3.99 1.31
CA LYS A 46 7.35 -4.58 2.03
C LYS A 46 6.94 -5.36 3.31
N PHE A 47 5.88 -4.94 4.00
CA PHE A 47 5.41 -5.73 5.16
C PHE A 47 4.99 -7.10 4.68
N VAL A 48 4.43 -7.16 3.48
CA VAL A 48 3.98 -8.44 2.95
C VAL A 48 5.19 -9.28 2.53
N GLU A 49 6.12 -8.64 1.84
N GLU A 49 6.14 -8.65 1.87
CA GLU A 49 7.33 -9.31 1.37
CA GLU A 49 7.32 -9.37 1.38
C GLU A 49 8.16 -9.90 2.52
C GLU A 49 8.17 -9.91 2.52
N LEU A 50 8.34 -9.11 3.58
CA LEU A 50 9.31 -9.45 4.63
C LEU A 50 8.79 -10.27 5.80
N ARG A 51 7.47 -10.38 5.92
CA ARG A 51 6.87 -11.25 6.92
C ARG A 51 6.69 -12.67 6.33
N HIS A 52 7.18 -13.69 7.02
CA HIS A 52 6.85 -15.06 6.63
C HIS A 52 5.40 -15.36 7.02
N ALA A 53 4.59 -15.75 6.05
CA ALA A 53 3.19 -16.05 6.31
C ALA A 53 2.73 -17.21 5.45
N SER A 54 1.99 -18.15 6.07
CA SER A 54 1.42 -19.34 5.37
C SER A 54 0.19 -18.99 4.55
N CYS A 55 -0.34 -17.78 4.74
CA CYS A 55 -1.66 -17.40 4.22
C CYS A 55 -1.94 -15.96 4.67
N ASP A 56 -3.02 -15.35 4.16
CA ASP A 56 -3.41 -13.99 4.58
C ASP A 56 -3.40 -13.84 6.09
N GLN A 57 -4.01 -14.80 6.79
CA GLN A 57 -4.25 -14.70 8.22
C GLN A 57 -2.95 -14.68 9.06
N GLN A 58 -1.83 -15.05 8.46
CA GLN A 58 -0.56 -15.01 9.20
C GLN A 58 0.21 -13.71 8.98
N HIS A 59 -0.36 -12.79 8.22
CA HIS A 59 0.30 -11.49 7.99
C HIS A 59 0.21 -10.50 9.16
N ILE A 60 1.06 -9.48 9.19
CA ILE A 60 1.06 -8.51 10.29
C ILE A 60 -0.20 -7.66 10.27
N PRO A 61 -0.90 -7.54 11.42
CA PRO A 61 -2.02 -6.58 11.46
C PRO A 61 -1.55 -5.13 11.42
N LEU A 62 -2.13 -4.34 10.52
CA LEU A 62 -1.69 -2.96 10.27
C LEU A 62 -2.88 -2.04 10.11
N ILE A 63 -2.76 -0.85 10.70
N ILE A 63 -2.78 -0.87 10.71
CA ILE A 63 -3.70 0.24 10.46
CA ILE A 63 -3.68 0.21 10.40
C ILE A 63 -2.88 1.42 9.95
C ILE A 63 -2.84 1.37 9.90
N VAL A 64 -3.27 1.97 8.80
CA VAL A 64 -2.45 2.98 8.14
C VAL A 64 -3.15 4.32 8.06
N SER A 65 -2.43 5.37 8.41
CA SER A 65 -2.91 6.75 8.10
C SER A 65 -2.13 7.16 6.85
N SER A 66 -2.77 7.22 5.68
CA SER A 66 -2.09 7.97 4.62
C SER A 66 -3.02 9.12 4.35
N ILE A 67 -2.77 10.21 5.06
CA ILE A 67 -3.58 11.41 5.01
C ILE A 67 -2.52 12.44 4.79
N PRO A 68 -2.28 12.74 3.51
CA PRO A 68 -1.17 13.47 2.90
C PRO A 68 -1.16 15.01 3.13
N ASP A 69 -2.25 15.57 3.65
CA ASP A 69 -2.32 17.02 3.90
C ASP A 69 -1.29 17.51 4.95
N ILE A 70 -0.56 16.61 5.57
CA ILE A 70 0.53 17.02 6.45
C ILE A 70 1.49 17.98 5.71
N PRO A 71 1.73 19.18 6.28
CA PRO A 71 2.58 20.14 5.59
C PRO A 71 3.98 19.59 5.26
N ASP A 72 4.54 20.07 4.16
CA ASP A 72 5.84 19.60 3.72
C ASP A 72 6.87 19.76 4.83
N ARG A 73 7.58 18.68 5.14
CA ARG A 73 8.57 18.64 6.22
C ARG A 73 9.77 19.56 5.99
N THR A 74 10.40 19.45 4.82
CA THR A 74 11.57 20.27 4.51
C THR A 74 11.20 21.76 4.42
N ALA A 75 10.02 22.04 3.89
CA ALA A 75 9.57 23.43 3.75
C ALA A 75 9.43 24.08 5.12
N CYS A 76 8.92 23.31 6.09
CA CYS A 76 8.83 23.81 7.46
C CYS A 76 10.20 24.09 8.02
N LEU A 77 11.09 23.10 7.93
CA LEU A 77 12.40 23.21 8.54
C LEU A 77 13.37 24.23 7.91
N LEU A 78 13.57 24.20 6.60
CA LEU A 78 14.44 25.18 5.98
C LEU A 78 13.79 26.44 5.38
N SER A 79 12.49 26.36 5.05
CA SER A 79 11.73 27.48 4.40
C SER A 79 10.76 28.29 5.24
N GLY A 80 10.65 28.02 6.53
CA GLY A 80 9.68 28.72 7.36
C GLY A 80 8.21 28.37 7.09
N GLY A 81 7.97 27.19 6.50
CA GLY A 81 6.59 26.80 6.22
C GLY A 81 5.86 26.31 7.46
N PRO A 82 4.55 26.06 7.34
CA PRO A 82 3.76 25.61 8.49
C PRO A 82 4.29 24.28 9.03
N SER A 83 4.27 24.13 10.35
CA SER A 83 4.77 22.88 11.01
C SER A 83 3.84 21.69 10.78
N PRO A 84 4.41 20.51 10.46
CA PRO A 84 3.65 19.27 10.42
C PRO A 84 3.26 18.74 11.80
N TYR A 85 3.87 19.27 12.87
CA TYR A 85 3.77 18.61 14.18
C TYR A 85 2.34 18.30 14.63
N ARG A 86 1.48 19.30 14.64
CA ARG A 86 0.12 19.11 15.14
C ARG A 86 -0.65 18.10 14.29
N TYR A 87 -0.32 17.98 13.01
CA TYR A 87 -0.93 16.97 12.17
C TYR A 87 -0.44 15.58 12.58
N LEU A 88 0.87 15.48 12.79
CA LEU A 88 1.49 14.23 13.22
C LEU A 88 0.88 13.76 14.54
N GLU A 89 0.69 14.69 15.48
N GLU A 89 0.68 14.69 15.47
CA GLU A 89 0.15 14.37 16.79
CA GLU A 89 0.07 14.38 16.75
C GLU A 89 -1.29 13.86 16.68
C GLU A 89 -1.34 13.83 16.59
N ARG A 90 -2.10 14.57 15.89
N ARG A 90 -2.14 14.51 15.77
CA ARG A 90 -3.49 14.18 15.64
CA ARG A 90 -3.55 14.16 15.62
C ARG A 90 -3.59 12.74 15.09
C ARG A 90 -3.72 12.78 14.97
N TYR A 91 -2.87 12.47 14.01
CA TYR A 91 -2.99 11.17 13.34
C TYR A 91 -2.38 10.06 14.18
N LEU A 92 -1.34 10.39 14.94
CA LEU A 92 -0.84 9.47 15.96
C LEU A 92 -1.94 9.04 16.94
N HIS A 93 -2.66 10.00 17.51
CA HIS A 93 -3.75 9.67 18.44
C HIS A 93 -4.83 8.86 17.75
N MSE A 94 -5.12 9.21 16.50
N MSE A 94 -5.12 9.20 16.50
CA MSE A 94 -6.11 8.49 15.70
CA MSE A 94 -6.13 8.47 15.74
C MSE A 94 -5.74 7.01 15.62
C MSE A 94 -5.74 7.00 15.58
O MSE A 94 -6.59 6.14 15.82
O MSE A 94 -6.60 6.12 15.72
CB MSE A 94 -6.17 9.07 14.29
CB MSE A 94 -6.34 9.12 14.37
CG MSE A 94 -7.12 8.34 13.37
CG MSE A 94 -7.36 8.41 13.50
SE MSE A 94 -7.09 9.03 11.52
SE MSE A 94 -6.62 6.87 12.56
CE MSE A 94 -5.33 8.39 10.98
CE MSE A 94 -5.38 7.78 11.36
N LEU A 95 -4.48 6.74 15.29
CA LEU A 95 -4.00 5.36 15.17
C LEU A 95 -4.09 4.65 16.52
N GLU A 96 -3.69 5.34 17.58
CA GLU A 96 -3.76 4.73 18.91
C GLU A 96 -5.20 4.41 19.29
N ASP A 97 -6.09 5.36 19.01
CA ASP A 97 -7.49 5.17 19.36
C ASP A 97 -8.11 4.03 18.56
N ALA A 98 -7.53 3.77 17.38
CA ALA A 98 -8.00 2.69 16.54
C ALA A 98 -7.45 1.35 17.03
N GLY A 99 -6.53 1.42 17.99
CA GLY A 99 -5.92 0.22 18.57
C GLY A 99 -4.48 -0.12 18.20
N ALA A 100 -3.78 0.78 17.52
CA ALA A 100 -2.36 0.53 17.23
C ALA A 100 -1.54 0.54 18.51
N GLU A 101 -0.75 -0.50 18.72
N GLU A 101 -0.77 -0.52 18.75
CA GLU A 101 0.10 -0.57 19.91
CA GLU A 101 0.11 -0.58 19.94
C GLU A 101 1.57 -0.23 19.66
C GLU A 101 1.55 -0.16 19.66
N CYS A 102 1.90 -0.04 18.38
CA CYS A 102 3.24 0.35 17.99
C CYS A 102 3.09 1.21 16.75
N ILE A 103 3.88 2.29 16.67
CA ILE A 103 3.75 3.25 15.58
C ILE A 103 5.08 3.39 14.84
N VAL A 104 5.02 3.40 13.52
CA VAL A 104 6.18 3.60 12.67
C VAL A 104 5.85 4.66 11.63
N ILE A 105 6.85 5.49 11.31
CA ILE A 105 6.69 6.60 10.38
C ILE A 105 7.58 6.47 9.15
N PRO A 106 6.98 6.18 7.99
CA PRO A 106 7.82 6.01 6.80
C PRO A 106 8.18 7.34 6.15
N CYS A 107 8.71 8.27 6.94
CA CYS A 107 9.30 9.49 6.42
C CYS A 107 10.51 9.82 7.28
N ASN A 108 11.70 9.89 6.67
CA ASN A 108 12.91 10.19 7.44
C ASN A 108 12.90 11.62 8.03
N THR A 109 12.52 12.59 7.21
CA THR A 109 12.55 14.01 7.63
C THR A 109 11.63 14.26 8.83
N ALA A 110 10.51 13.54 8.88
CA ALA A 110 9.56 13.67 9.98
C ALA A 110 10.17 13.24 11.33
N HIS A 111 11.31 12.55 11.30
CA HIS A 111 11.96 12.14 12.54
C HIS A 111 12.60 13.29 13.31
N TYR A 112 12.62 14.48 12.70
CA TYR A 112 12.94 15.68 13.45
C TYR A 112 12.03 15.81 14.69
N TRP A 113 10.78 15.37 14.54
CA TRP A 113 9.76 15.42 15.60
C TRP A 113 9.61 14.11 16.42
N PHE A 114 10.44 13.12 16.15
CA PHE A 114 10.28 11.79 16.75
C PHE A 114 10.24 11.84 18.29
N ASP A 115 11.18 12.55 18.90
CA ASP A 115 11.25 12.59 20.35
C ASP A 115 10.00 13.22 20.99
N ASP A 116 9.48 14.26 20.37
CA ASP A 116 8.28 14.93 20.84
C ASP A 116 7.08 14.01 20.71
N LEU A 117 6.97 13.31 19.58
CA LEU A 117 5.85 12.39 19.38
C LEU A 117 5.93 11.24 20.39
N GLN A 118 7.13 10.69 20.57
CA GLN A 118 7.28 9.59 21.51
C GLN A 118 6.82 9.98 22.92
N ASN A 119 7.07 11.24 23.31
CA ASN A 119 6.59 11.76 24.60
C ASN A 119 5.08 11.76 24.76
N VAL A 120 4.36 12.14 23.71
CA VAL A 120 2.90 12.12 23.79
C VAL A 120 2.29 10.72 23.54
N ALA A 121 3.06 9.84 22.88
CA ALA A 121 2.54 8.52 22.53
C ALA A 121 2.43 7.57 23.71
N LYS A 122 1.28 6.89 23.81
CA LYS A 122 1.15 5.74 24.69
C LYS A 122 1.74 4.49 24.03
N ALA A 123 1.48 4.36 22.73
CA ALA A 123 2.02 3.24 21.95
C ALA A 123 3.54 3.29 21.85
N ARG A 124 4.15 2.13 21.63
CA ARG A 124 5.57 2.03 21.31
C ARG A 124 5.85 2.73 19.99
N MSE A 125 7.01 3.39 19.87
CA MSE A 125 7.42 3.93 18.57
C MSE A 125 8.80 3.41 18.20
O MSE A 125 9.65 3.21 19.06
CB MSE A 125 7.38 5.45 18.56
CG MSE A 125 5.98 6.03 18.81
SE MSE A 125 5.88 7.96 18.48
CE MSE A 125 6.43 7.94 16.61
N ILE A 126 9.02 3.18 16.91
CA ILE A 126 10.28 2.65 16.45
C ILE A 126 10.89 3.59 15.43
N SER A 127 12.10 4.07 15.70
CA SER A 127 12.73 5.10 14.83
C SER A 127 13.32 4.53 13.53
N ILE A 128 12.99 5.15 12.42
CA ILE A 128 13.57 4.77 11.13
C ILE A 128 15.10 4.96 11.13
N LEU A 129 15.60 5.92 11.89
CA LEU A 129 17.02 6.23 11.88
C LEU A 129 17.86 5.08 12.47
N ASP A 130 17.50 4.63 13.66
CA ASP A 130 18.24 3.54 14.28
C ASP A 130 18.09 2.23 13.49
N ALA A 131 16.88 1.95 13.03
CA ALA A 131 16.65 0.71 12.27
C ALA A 131 17.55 0.68 11.03
N THR A 132 17.65 1.82 10.37
CA THR A 132 18.42 1.92 9.13
C THR A 132 19.92 1.79 9.39
N LEU A 133 20.45 2.54 10.35
CA LEU A 133 21.88 2.43 10.66
C LEU A 133 22.28 1.02 11.10
N GLY A 134 21.39 0.35 11.81
CA GLY A 134 21.67 -0.98 12.31
C GLY A 134 21.73 -2.04 11.20
N ASP A 135 21.21 -1.71 10.02
CA ASP A 135 21.24 -2.66 8.91
C ASP A 135 22.44 -2.44 7.96
N ILE A 136 23.33 -1.53 8.33
CA ILE A 136 24.52 -1.30 7.52
C ILE A 136 25.58 -2.35 7.86
N PRO A 137 26.14 -3.02 6.85
CA PRO A 137 27.19 -4.01 7.16
C PRO A 137 28.31 -3.38 7.98
N PRO A 138 28.81 -4.10 8.99
CA PRO A 138 29.83 -3.57 9.90
C PRO A 138 31.06 -3.13 9.14
N SER A 139 31.32 -3.76 8.01
N SER A 139 31.33 -3.76 8.00
CA SER A 139 32.51 -3.44 7.18
CA SER A 139 32.54 -3.42 7.21
C SER A 139 32.44 -2.06 6.54
C SER A 139 32.44 -2.07 6.51
N ALA A 140 31.23 -1.51 6.37
CA ALA A 140 31.13 -0.26 5.64
C ALA A 140 31.24 0.91 6.63
N ARG A 141 32.42 1.53 6.62
CA ARG A 141 32.78 2.69 7.45
C ARG A 141 32.38 4.04 6.86
N HIS A 142 32.60 4.17 5.56
CA HIS A 142 32.40 5.40 4.82
C HIS A 142 31.12 5.17 4.01
N VAL A 143 30.05 5.84 4.40
N VAL A 143 30.04 5.82 4.38
CA VAL A 143 28.72 5.58 3.83
CA VAL A 143 28.76 5.54 3.73
C VAL A 143 28.11 6.83 3.21
C VAL A 143 28.07 6.79 3.22
N GLY A 144 27.58 6.71 1.99
CA GLY A 144 26.88 7.81 1.37
C GLY A 144 25.51 7.96 1.99
N LEU A 145 24.96 9.18 1.91
CA LEU A 145 23.62 9.45 2.41
C LEU A 145 22.80 10.23 1.40
N LEU A 146 21.71 9.61 0.97
CA LEU A 146 20.73 10.25 0.10
C LEU A 146 19.53 10.61 0.96
N ALA A 147 19.24 11.90 1.07
CA ALA A 147 18.16 12.35 1.93
C ALA A 147 17.67 13.74 1.50
N THR A 148 16.62 14.23 2.15
CA THR A 148 16.15 15.59 1.88
C THR A 148 17.15 16.62 2.42
N ASN A 149 17.06 17.85 1.92
CA ASN A 149 17.92 18.91 2.45
C ASN A 149 17.73 19.06 3.95
N ALA A 150 16.50 18.89 4.43
CA ALA A 150 16.22 19.12 5.84
C ALA A 150 16.81 18.02 6.72
N THR A 151 16.75 16.79 6.24
CA THR A 151 17.34 15.67 6.96
C THR A 151 18.86 15.89 7.11
N LEU A 152 19.49 16.37 6.05
CA LEU A 152 20.93 16.69 6.12
C LEU A 152 21.20 17.90 7.02
N ALA A 153 20.42 18.96 6.84
CA ALA A 153 20.69 20.22 7.54
C ALA A 153 20.52 20.07 9.05
N THR A 154 19.50 19.33 9.46
CA THR A 154 19.25 19.17 10.90
C THR A 154 20.03 18.01 11.50
N GLY A 155 20.80 17.32 10.66
CA GLY A 155 21.74 16.32 11.12
C GLY A 155 21.09 15.09 11.74
N LEU A 156 19.91 14.73 11.28
CA LEU A 156 19.17 13.61 11.87
C LEU A 156 20.01 12.33 11.98
N TYR A 157 20.71 11.97 10.91
CA TYR A 157 21.53 10.76 10.93
C TYR A 157 22.90 10.97 11.58
N GLN A 158 23.31 12.24 11.70
CA GLN A 158 24.69 12.56 12.02
C GLN A 158 25.19 12.06 13.37
N LYS A 159 24.51 12.40 14.45
CA LYS A 159 24.99 12.02 15.77
C LYS A 159 24.96 10.51 15.94
N LYS A 160 23.90 9.88 15.43
CA LYS A 160 23.75 8.44 15.56
C LYS A 160 24.85 7.70 14.79
N ALA A 161 25.20 8.21 13.62
CA ALA A 161 26.19 7.57 12.78
C ALA A 161 27.58 7.63 13.40
N LEU A 162 27.92 8.79 13.94
CA LEU A 162 29.23 8.98 14.54
C LEU A 162 29.42 8.08 15.76
N ALA A 163 28.35 7.92 16.53
CA ALA A 163 28.39 7.03 17.68
C ALA A 163 28.80 5.63 17.25
N ARG A 164 28.33 5.22 16.07
CA ARG A 164 28.58 3.87 15.59
C ARG A 164 29.92 3.77 14.87
N GLY A 165 30.64 4.89 14.78
CA GLY A 165 31.92 4.93 14.10
C GLY A 165 31.81 5.06 12.59
N LEU A 166 30.66 5.50 12.10
CA LEU A 166 30.44 5.77 10.67
C LEU A 166 30.87 7.17 10.26
N THR A 167 31.34 7.30 9.02
CA THR A 167 31.53 8.61 8.41
C THR A 167 30.55 8.78 7.24
N LEU A 168 29.63 9.72 7.37
CA LEU A 168 28.65 9.94 6.31
C LEU A 168 29.17 10.90 5.26
N ILE A 169 28.99 10.51 4.00
N ILE A 169 29.05 10.53 3.99
CA ILE A 169 29.33 11.33 2.84
CA ILE A 169 29.37 11.50 2.95
C ILE A 169 28.02 11.82 2.21
C ILE A 169 28.14 11.83 2.13
N GLN A 170 27.91 13.13 1.97
CA GLN A 170 26.73 13.62 1.29
C GLN A 170 27.11 14.33 0.00
N PRO A 171 26.15 14.44 -0.93
CA PRO A 171 26.49 15.07 -2.21
C PRO A 171 26.89 16.50 -1.95
N GLU A 172 27.67 17.07 -2.86
N GLU A 172 27.72 17.07 -2.81
CA GLU A 172 28.06 18.46 -2.77
CA GLU A 172 28.07 18.48 -2.68
C GLU A 172 26.82 19.30 -3.07
C GLU A 172 26.84 19.30 -3.09
N ASP A 173 26.93 20.62 -2.97
CA ASP A 173 25.76 21.49 -3.15
C ASP A 173 24.98 21.25 -4.44
N ALA A 174 25.67 21.25 -5.56
CA ALA A 174 25.00 21.12 -6.84
C ALA A 174 24.32 19.78 -6.93
N GLY A 175 25.02 18.74 -6.49
CA GLY A 175 24.49 17.39 -6.56
C GLY A 175 23.30 17.19 -5.65
N GLN A 176 23.33 17.83 -4.49
CA GLN A 176 22.23 17.69 -3.53
C GLN A 176 20.97 18.35 -4.07
N ALA A 177 21.11 19.46 -4.80
CA ALA A 177 19.95 20.10 -5.42
C ALA A 177 19.26 19.12 -6.38
N LEU A 178 20.05 18.31 -7.08
CA LEU A 178 19.50 17.32 -7.99
C LEU A 178 18.87 16.12 -7.27
N VAL A 179 19.50 15.68 -6.18
CA VAL A 179 18.86 14.68 -5.33
C VAL A 179 17.49 15.19 -4.86
N MSE A 180 17.46 16.41 -4.32
CA MSE A 180 16.19 17.01 -3.89
C MSE A 180 15.20 17.05 -5.04
O MSE A 180 14.02 16.76 -4.86
CB MSE A 180 16.40 18.44 -3.37
CG MSE A 180 16.47 18.56 -1.88
SE MSE A 180 14.87 17.96 -0.93
CE MSE A 180 14.05 19.67 -0.59
N GLN A 181 15.65 17.45 -6.22
CA GLN A 181 14.77 17.49 -7.39
C GLN A 181 14.20 16.10 -7.70
N ALA A 182 15.05 15.08 -7.62
CA ALA A 182 14.65 13.71 -7.91
C ALA A 182 13.53 13.26 -6.96
N ILE A 183 13.74 13.52 -5.67
N ILE A 183 13.75 13.53 -5.67
CA ILE A 183 12.76 13.17 -4.66
CA ILE A 183 12.77 13.18 -4.65
C ILE A 183 11.40 13.80 -4.94
C ILE A 183 11.41 13.81 -4.93
N TYR A 184 11.40 15.10 -5.24
CA TYR A 184 10.14 15.79 -5.48
C TYR A 184 9.54 15.46 -6.83
N THR A 185 10.39 15.06 -7.76
CA THR A 185 9.91 14.55 -9.03
C THR A 185 9.20 13.21 -8.82
N LEU A 186 9.76 12.34 -7.99
CA LEU A 186 9.04 11.11 -7.67
C LEU A 186 7.72 11.47 -6.99
N LYS A 187 7.77 12.42 -6.06
CA LYS A 187 6.54 12.82 -5.35
C LYS A 187 5.47 13.36 -6.32
N ARG A 188 5.90 13.91 -7.44
CA ARG A 188 4.97 14.42 -8.45
C ARG A 188 4.48 13.30 -9.37
N GLY A 189 5.10 12.14 -9.24
CA GLY A 189 4.67 10.96 -9.96
C GLY A 189 5.44 10.58 -11.22
N ASP A 190 6.63 11.16 -11.45
CA ASP A 190 7.40 10.76 -12.62
C ASP A 190 8.68 10.06 -12.17
N LYS A 191 8.66 8.74 -12.25
CA LYS A 191 9.73 7.92 -11.73
C LYS A 191 10.88 7.95 -12.72
N THR A 192 10.53 8.00 -14.00
CA THR A 192 11.54 7.98 -15.05
C THR A 192 12.42 9.21 -14.99
N ALA A 193 11.80 10.38 -14.85
CA ALA A 193 12.55 11.62 -14.70
C ALA A 193 13.34 11.62 -13.40
N ALA A 194 12.75 11.13 -12.31
CA ALA A 194 13.48 11.07 -11.04
C ALA A 194 14.75 10.20 -11.19
N GLN A 195 14.64 9.08 -11.90
CA GLN A 195 15.79 8.20 -12.06
C GLN A 195 16.93 8.86 -12.81
N ALA A 196 16.60 9.56 -13.89
CA ALA A 196 17.61 10.26 -14.69
C ALA A 196 18.36 11.25 -13.81
N LEU A 197 17.66 11.82 -12.84
CA LEU A 197 18.26 12.80 -11.95
C LEU A 197 19.12 12.14 -10.88
N LEU A 198 18.63 11.05 -10.32
CA LEU A 198 19.25 10.45 -9.15
C LEU A 198 20.48 9.59 -9.44
N LEU A 199 20.41 8.82 -10.53
CA LEU A 199 21.42 7.79 -10.75
C LEU A 199 22.83 8.35 -10.85
N PRO A 200 23.01 9.50 -11.52
CA PRO A 200 24.37 10.06 -11.56
C PRO A 200 24.85 10.52 -10.18
N GLN A 201 23.95 10.90 -9.28
CA GLN A 201 24.36 11.28 -7.94
C GLN A 201 24.80 10.05 -7.15
N ILE A 202 24.20 8.91 -7.44
CA ILE A 202 24.62 7.67 -6.81
C ILE A 202 26.03 7.33 -7.29
N ASP A 203 26.27 7.44 -8.59
CA ASP A 203 27.61 7.15 -9.11
C ASP A 203 28.65 8.10 -8.52
N SER A 204 28.30 9.37 -8.34
CA SER A 204 29.25 10.35 -7.74
C SER A 204 29.65 9.96 -6.31
N LEU A 205 28.68 9.53 -5.50
CA LEU A 205 28.96 9.06 -4.15
C LEU A 205 29.92 7.87 -4.15
N ILE A 206 29.69 6.92 -5.06
CA ILE A 206 30.59 5.77 -5.15
C ILE A 206 31.99 6.21 -5.58
N ALA A 207 32.05 7.11 -6.56
CA ALA A 207 33.32 7.65 -7.01
C ALA A 207 34.07 8.29 -5.84
N ARG A 208 33.32 8.81 -4.89
CA ARG A 208 33.89 9.50 -3.74
C ARG A 208 34.23 8.53 -2.61
N GLY A 209 34.01 7.25 -2.85
CA GLY A 209 34.42 6.22 -1.93
C GLY A 209 33.36 5.62 -1.01
N ALA A 210 32.08 5.86 -1.28
CA ALA A 210 31.03 5.26 -0.46
C ALA A 210 31.10 3.73 -0.52
N GLN A 211 31.16 3.08 0.63
CA GLN A 211 31.12 1.61 0.72
C GLN A 211 29.70 1.06 0.72
N ALA A 212 28.77 1.94 1.08
CA ALA A 212 27.33 1.66 1.05
C ALA A 212 26.66 3.01 0.93
N ILE A 213 25.41 3.00 0.47
CA ILE A 213 24.62 4.22 0.41
C ILE A 213 23.30 4.01 1.14
N ILE A 214 23.04 4.86 2.13
CA ILE A 214 21.76 4.86 2.84
C ILE A 214 20.73 5.57 2.00
N MSE A 215 19.61 4.91 1.72
CA MSE A 215 18.55 5.61 1.05
C MSE A 215 17.74 6.13 2.22
O MSE A 215 16.91 5.43 2.82
CB MSE A 215 17.78 4.62 0.17
CG MSE A 215 18.67 3.96 -0.91
SE MSE A 215 17.71 2.79 -2.18
CE MSE A 215 17.37 1.31 -1.03
N GLY A 216 17.94 7.42 2.46
CA GLY A 216 17.57 8.06 3.70
C GLY A 216 16.36 8.94 3.52
N CYS A 217 15.63 8.66 2.45
CA CYS A 217 14.39 9.32 2.12
C CYS A 217 13.51 8.21 1.57
N THR A 218 12.28 8.09 2.03
CA THR A 218 11.50 6.91 1.66
C THR A 218 11.04 6.86 0.19
N GLU A 219 11.23 7.96 -0.53
N GLU A 219 11.26 7.96 -0.52
CA GLU A 219 10.96 7.94 -1.97
CA GLU A 219 10.97 8.01 -1.95
C GLU A 219 12.10 7.33 -2.75
C GLU A 219 12.10 7.37 -2.76
N ILE A 220 13.30 7.38 -2.19
CA ILE A 220 14.51 6.92 -2.89
C ILE A 220 14.42 5.44 -3.35
N PRO A 221 13.99 4.52 -2.45
CA PRO A 221 13.92 3.13 -2.90
C PRO A 221 12.99 2.95 -4.11
N LEU A 222 11.96 3.79 -4.19
CA LEU A 222 11.03 3.77 -5.32
C LEU A 222 11.72 4.22 -6.61
N ILE A 223 12.65 5.17 -6.49
CA ILE A 223 13.37 5.66 -7.66
C ILE A 223 14.39 4.63 -8.13
N VAL A 224 15.10 4.04 -7.17
CA VAL A 224 16.19 3.09 -7.44
C VAL A 224 15.69 1.71 -7.91
N ALA A 225 14.49 1.31 -7.49
CA ALA A 225 14.00 -0.05 -7.72
C ALA A 225 14.12 -0.44 -9.18
N GLY A 226 14.70 -1.60 -9.42
CA GLY A 226 14.94 -2.04 -10.78
C GLY A 226 16.36 -1.74 -11.25
N HIS A 227 17.03 -0.79 -10.59
CA HIS A 227 18.43 -0.51 -10.89
C HIS A 227 19.56 -1.03 -9.97
N GLU A 228 19.24 -1.73 -8.88
CA GLU A 228 20.29 -2.14 -7.94
C GLU A 228 21.49 -2.90 -8.56
N ARG A 229 21.24 -3.75 -9.56
CA ARG A 229 22.33 -4.49 -10.23
C ARG A 229 23.36 -3.55 -10.86
N ALA A 230 22.88 -2.53 -11.57
CA ALA A 230 23.75 -1.54 -12.19
C ALA A 230 24.59 -0.78 -11.16
N ILE A 231 24.18 -0.86 -9.89
CA ILE A 231 24.84 -0.08 -8.84
C ILE A 231 25.89 -0.90 -8.10
N ALA A 232 27.13 -0.39 -8.13
CA ALA A 232 28.30 -1.12 -7.66
C ALA A 232 28.42 -1.29 -6.15
N CYS A 233 27.53 -0.70 -5.36
CA CYS A 233 27.63 -0.85 -3.91
C CYS A 233 26.27 -1.08 -3.29
N PRO A 234 26.23 -1.66 -2.08
CA PRO A 234 24.93 -1.97 -1.48
C PRO A 234 24.15 -0.72 -1.10
N MSE A 235 22.85 -0.73 -1.39
CA MSE A 235 21.96 0.36 -1.01
C MSE A 235 21.20 -0.07 0.26
O MSE A 235 20.72 -1.19 0.35
CB MSE A 235 20.95 0.63 -2.14
CG MSE A 235 21.57 0.81 -3.52
SE MSE A 235 22.76 2.36 -3.60
CE MSE A 235 21.46 3.76 -3.30
N ILE A 236 21.10 0.82 1.24
CA ILE A 236 20.45 0.45 2.48
C ILE A 236 19.09 1.11 2.50
N ASP A 237 18.04 0.29 2.56
CA ASP A 237 16.67 0.76 2.35
C ASP A 237 16.06 1.14 3.69
N SER A 238 15.83 2.43 3.91
CA SER A 238 15.31 2.89 5.24
C SER A 238 13.93 2.35 5.54
N THR A 239 13.09 2.32 4.51
CA THR A 239 11.75 1.75 4.63
C THR A 239 11.81 0.27 5.03
N ALA A 240 12.63 -0.52 4.33
CA ALA A 240 12.68 -1.95 4.58
C ALA A 240 13.25 -2.22 5.97
N SER A 241 14.26 -1.44 6.36
CA SER A 241 14.83 -1.53 7.75
C SER A 241 13.74 -1.32 8.81
N LEU A 242 12.93 -0.29 8.62
CA LEU A 242 11.86 0.02 9.57
C LEU A 242 10.82 -1.09 9.62
N VAL A 243 10.45 -1.61 8.45
CA VAL A 243 9.52 -2.73 8.38
C VAL A 243 10.10 -3.92 9.14
N ARG A 244 11.36 -4.25 8.91
CA ARG A 244 11.94 -5.39 9.62
C ARG A 244 11.93 -5.20 11.12
N ALA A 245 12.21 -3.98 11.59
CA ALA A 245 12.18 -3.71 13.03
C ALA A 245 10.75 -3.88 13.59
N ALA A 246 9.75 -3.43 12.84
CA ALA A 246 8.35 -3.58 13.31
C ALA A 246 7.94 -5.05 13.36
N ILE A 247 8.37 -5.82 12.38
CA ILE A 247 8.08 -7.25 12.37
C ILE A 247 8.71 -7.94 13.58
N ARG A 248 9.98 -7.61 13.87
CA ARG A 248 10.63 -8.11 15.06
C ARG A 248 9.82 -7.75 16.32
N TRP A 249 9.33 -6.52 16.41
CA TRP A 249 8.55 -6.09 17.56
C TRP A 249 7.29 -6.94 17.68
N TYR A 250 6.61 -7.12 16.56
CA TYR A 250 5.38 -7.89 16.56
C TYR A 250 5.60 -9.35 16.98
N GLU A 251 6.67 -9.95 16.49
CA GLU A 251 6.95 -11.36 16.73
C GLU A 251 7.50 -11.62 18.13
N SER A 252 7.87 -10.56 18.82
CA SER A 252 8.42 -10.72 20.20
C SER A 252 7.31 -11.03 21.22
N TRP A 253 6.06 -10.88 20.82
CA TRP A 253 4.94 -11.22 21.70
C TRP A 253 4.69 -12.73 21.80
N PRO A 254 4.70 -13.26 23.03
CA PRO A 254 4.53 -14.72 23.21
C PRO A 254 3.15 -15.17 22.77
N ASP A 255 2.18 -14.26 22.78
CA ASP A 255 0.83 -14.64 22.39
C ASP A 255 0.58 -14.44 20.89
N THR A 256 1.64 -14.07 20.15
CA THR A 256 1.61 -14.08 18.69
C THR A 256 2.45 -15.24 18.17
N SER B 22 -7.65 14.13 9.38
CA SER B 22 -8.46 12.90 9.32
C SER B 22 -9.94 13.23 9.43
N ASN B 23 -10.26 14.49 9.18
CA ASN B 23 -11.61 14.97 9.38
C ASN B 23 -12.63 14.11 8.61
N ALA B 24 -13.83 13.99 9.16
CA ALA B 24 -14.96 13.46 8.40
C ALA B 24 -15.27 14.51 7.32
N MSE B 25 -15.17 15.77 7.71
N MSE B 25 -15.18 15.77 7.70
CA MSE B 25 -15.37 16.88 6.78
CA MSE B 25 -15.38 16.86 6.76
C MSE B 25 -14.24 16.93 5.75
C MSE B 25 -14.28 16.85 5.70
O MSE B 25 -14.32 17.65 4.77
O MSE B 25 -14.41 17.47 4.64
CB MSE B 25 -15.46 18.20 7.55
CB MSE B 25 -15.42 18.22 7.46
CG MSE B 25 -16.65 18.29 8.50
CG MSE B 25 -16.52 18.37 8.49
SE MSE B 25 -18.35 18.64 7.60
SE MSE B 25 -15.84 18.34 10.32
CE MSE B 25 -18.22 20.58 7.46
CE MSE B 25 -14.56 19.80 10.19
N LYS B 26 -13.18 16.16 6.00
CA LYS B 26 -12.10 16.03 5.05
C LYS B 26 -12.48 15.01 3.98
N HIS B 27 -13.60 14.31 4.16
CA HIS B 27 -14.03 13.30 3.19
C HIS B 27 -13.00 12.18 3.05
N THR B 28 -12.46 11.75 4.18
CA THR B 28 -11.51 10.66 4.19
C THR B 28 -12.11 9.33 3.71
N ILE B 29 -11.36 8.59 2.90
CA ILE B 29 -11.79 7.29 2.40
C ILE B 29 -11.15 6.19 3.27
N GLY B 30 -11.96 5.32 3.89
CA GLY B 30 -11.42 4.13 4.52
C GLY B 30 -11.32 2.91 3.61
N ILE B 31 -10.21 2.18 3.73
N ILE B 31 -10.22 2.17 3.74
CA ILE B 31 -10.03 0.95 2.95
CA ILE B 31 -10.06 0.94 2.97
C ILE B 31 -10.16 -0.23 3.90
C ILE B 31 -10.19 -0.22 3.93
N LEU B 32 -11.19 -1.07 3.71
CA LEU B 32 -11.39 -2.18 4.63
C LEU B 32 -10.75 -3.33 3.87
N GLY B 33 -9.51 -3.55 4.24
CA GLY B 33 -8.58 -4.39 3.50
C GLY B 33 -8.13 -5.63 4.21
N GLY B 34 -6.95 -6.07 3.80
CA GLY B 34 -6.29 -7.17 4.45
C GLY B 34 -6.74 -8.47 3.85
N MSE B 35 -7.52 -8.39 2.77
CA MSE B 35 -7.89 -9.61 2.08
C MSE B 35 -7.54 -9.66 0.59
O MSE B 35 -8.40 -9.42 -0.27
CB MSE B 35 -9.43 -9.64 2.15
CG MSE B 35 -10.02 -9.55 3.58
SE MSE B 35 -11.97 -9.17 3.68
CE MSE B 35 -11.95 -7.28 3.30
N GLY B 36 -6.39 -10.24 0.25
CA GLY B 36 -5.28 -10.31 1.18
C GLY B 36 -4.49 -8.99 1.26
N PRO B 37 -3.45 -8.96 2.11
CA PRO B 37 -2.62 -7.76 2.31
C PRO B 37 -1.90 -7.28 1.04
N ALA B 38 -1.45 -8.18 0.17
CA ALA B 38 -0.76 -7.75 -1.05
C ALA B 38 -1.71 -6.94 -1.95
N ALA B 39 -2.96 -7.38 -2.03
CA ALA B 39 -3.98 -6.68 -2.81
C ALA B 39 -4.27 -5.31 -2.22
N THR B 40 -4.23 -5.22 -0.90
CA THR B 40 -4.41 -3.94 -0.23
C THR B 40 -3.27 -2.97 -0.53
N ALA B 41 -2.04 -3.46 -0.49
CA ALA B 41 -0.90 -2.62 -0.83
C ALA B 41 -1.03 -2.18 -2.30
N ASP B 42 -1.53 -3.09 -3.14
CA ASP B 42 -1.67 -2.78 -4.56
C ASP B 42 -2.69 -1.66 -4.76
N MSE B 43 -3.79 -1.72 -4.01
CA MSE B 43 -4.78 -0.66 -4.05
C MSE B 43 -4.19 0.71 -3.66
O MSE B 43 -4.47 1.73 -4.30
CB MSE B 43 -5.97 -0.97 -3.16
CG MSE B 43 -7.07 0.06 -3.37
SE MSE B 43 -8.63 -0.23 -2.25
CE MSE B 43 -9.97 0.57 -3.44
N LEU B 44 -3.37 0.74 -2.60
CA LEU B 44 -2.72 2.00 -2.22
C LEU B 44 -1.84 2.56 -3.35
N GLU B 45 -1.06 1.71 -3.99
CA GLU B 45 -0.23 2.18 -5.10
C GLU B 45 -1.09 2.76 -6.21
N LYS B 46 -2.23 2.13 -6.44
CA LYS B 46 -3.15 2.61 -7.48
C LYS B 46 -3.84 3.93 -7.11
N PHE B 47 -4.14 4.17 -5.83
CA PHE B 47 -4.69 5.47 -5.46
C PHE B 47 -3.68 6.56 -5.84
N VAL B 48 -2.39 6.28 -5.67
CA VAL B 48 -1.38 7.26 -6.03
C VAL B 48 -1.30 7.44 -7.54
N GLU B 49 -1.31 6.34 -8.28
N GLU B 49 -1.30 6.32 -8.27
CA GLU B 49 -1.18 6.41 -9.73
CA GLU B 49 -1.20 6.35 -9.72
C GLU B 49 -2.38 7.09 -10.41
C GLU B 49 -2.37 7.09 -10.38
N LEU B 50 -3.58 6.77 -9.95
CA LEU B 50 -4.79 7.22 -10.63
C LEU B 50 -5.28 8.60 -10.23
N ARG B 51 -4.80 9.11 -9.09
CA ARG B 51 -5.14 10.47 -8.68
C ARG B 51 -4.17 11.47 -9.32
N HIS B 52 -4.69 12.53 -9.92
CA HIS B 52 -3.80 13.59 -10.39
C HIS B 52 -3.43 14.44 -9.20
N ALA B 53 -2.14 14.52 -8.93
CA ALA B 53 -1.66 15.30 -7.81
C ALA B 53 -0.32 15.94 -8.16
N SER B 54 -0.14 17.19 -7.75
CA SER B 54 1.12 17.94 -8.01
C SER B 54 2.15 17.74 -6.91
N CYS B 55 1.75 17.08 -5.83
CA CYS B 55 2.58 17.00 -4.62
C CYS B 55 1.89 16.10 -3.61
N ASP B 56 2.60 15.74 -2.55
CA ASP B 56 2.01 14.90 -1.52
C ASP B 56 0.63 15.42 -1.11
N GLN B 57 0.54 16.72 -0.86
CA GLN B 57 -0.64 17.30 -0.21
C GLN B 57 -1.89 17.25 -1.08
N GLN B 58 -1.70 16.96 -2.36
CA GLN B 58 -2.83 16.86 -3.28
C GLN B 58 -3.40 15.45 -3.39
N HIS B 59 -2.82 14.48 -2.68
CA HIS B 59 -3.33 13.12 -2.84
C HIS B 59 -4.57 12.87 -1.98
N ILE B 60 -5.18 11.70 -2.15
CA ILE B 60 -6.46 11.39 -1.50
C ILE B 60 -6.20 11.03 -0.03
N PRO B 61 -6.98 11.61 0.91
CA PRO B 61 -6.82 11.17 2.30
C PRO B 61 -7.35 9.76 2.52
N LEU B 62 -6.56 8.90 3.12
CA LEU B 62 -6.92 7.50 3.25
C LEU B 62 -6.57 6.97 4.61
N ILE B 63 -7.47 6.16 5.16
N ILE B 63 -7.45 6.15 5.16
CA ILE B 63 -7.16 5.37 6.34
CA ILE B 63 -7.14 5.37 6.36
C ILE B 63 -7.36 3.92 5.95
C ILE B 63 -7.40 3.90 6.05
N VAL B 64 -6.40 3.07 6.30
CA VAL B 64 -6.44 1.68 5.85
C VAL B 64 -6.46 0.67 6.99
N SER B 65 -7.37 -0.28 6.89
CA SER B 65 -7.32 -1.42 7.82
C SER B 65 -6.70 -2.55 7.00
N SER B 66 -5.44 -2.92 7.25
CA SER B 66 -5.04 -4.22 6.70
C SER B 66 -4.79 -5.09 7.90
N ILE B 67 -5.85 -5.74 8.35
N ILE B 67 -5.83 -5.79 8.29
CA ILE B 67 -5.81 -6.59 9.52
CA ILE B 67 -5.80 -6.63 9.48
C ILE B 67 -6.36 -7.92 8.99
C ILE B 67 -6.36 -7.96 9.05
N PRO B 68 -5.46 -8.81 8.56
CA PRO B 68 -5.64 -10.03 7.79
C PRO B 68 -6.30 -11.21 8.52
N ASP B 69 -6.43 -11.12 9.84
CA ASP B 69 -7.04 -12.19 10.64
C ASP B 69 -8.50 -12.48 10.26
N ILE B 70 -9.09 -11.63 9.42
CA ILE B 70 -10.42 -11.90 8.87
C ILE B 70 -10.44 -13.31 8.26
N PRO B 71 -11.37 -14.16 8.71
CA PRO B 71 -11.38 -15.55 8.23
C PRO B 71 -11.53 -15.64 6.72
N ASP B 72 -10.94 -16.70 6.14
CA ASP B 72 -10.94 -16.93 4.70
C ASP B 72 -12.38 -16.93 4.16
N ARG B 73 -12.64 -16.12 3.13
N ARG B 73 -12.65 -16.10 3.16
CA ARG B 73 -14.00 -15.89 2.64
CA ARG B 73 -14.00 -15.89 2.65
C ARG B 73 -14.54 -17.13 1.93
C ARG B 73 -14.54 -17.12 1.91
N THR B 74 -13.68 -17.75 1.12
CA THR B 74 -14.10 -18.91 0.36
C THR B 74 -14.37 -20.09 1.29
N ALA B 75 -13.53 -20.30 2.30
CA ALA B 75 -13.77 -21.42 3.22
C ALA B 75 -15.09 -21.26 3.96
N CYS B 76 -15.43 -20.03 4.29
CA CYS B 76 -16.70 -19.76 4.95
C CYS B 76 -17.86 -20.14 4.04
N LEU B 77 -17.83 -19.67 2.81
CA LEU B 77 -18.98 -19.77 1.94
C LEU B 77 -19.18 -21.19 1.40
N LEU B 78 -18.10 -21.83 0.99
CA LEU B 78 -18.15 -23.19 0.46
C LEU B 78 -18.09 -24.34 1.46
N SER B 79 -17.25 -24.19 2.49
CA SER B 79 -17.06 -25.22 3.56
C SER B 79 -17.76 -24.99 4.90
N GLY B 80 -18.47 -23.89 5.07
CA GLY B 80 -19.01 -23.59 6.39
C GLY B 80 -17.93 -23.24 7.42
N GLY B 81 -16.79 -22.75 6.96
CA GLY B 81 -15.76 -22.23 7.87
C GLY B 81 -16.31 -21.00 8.59
N PRO B 82 -15.56 -20.51 9.60
CA PRO B 82 -15.97 -19.34 10.40
C PRO B 82 -16.26 -18.13 9.51
N SER B 83 -17.34 -17.42 9.79
CA SER B 83 -17.72 -16.23 8.95
C SER B 83 -16.84 -15.01 9.18
N PRO B 84 -16.42 -14.35 8.10
CA PRO B 84 -15.71 -13.07 8.19
C PRO B 84 -16.62 -11.94 8.68
N TYR B 85 -17.94 -12.15 8.67
CA TYR B 85 -18.84 -11.00 8.87
C TYR B 85 -18.55 -10.13 10.10
N ARG B 86 -18.43 -10.74 11.29
CA ARG B 86 -18.23 -9.91 12.48
C ARG B 86 -16.89 -9.16 12.52
N TYR B 87 -15.87 -9.68 11.83
CA TYR B 87 -14.60 -8.97 11.64
C TYR B 87 -14.78 -7.75 10.72
N LEU B 88 -15.43 -7.97 9.59
CA LEU B 88 -15.71 -6.87 8.65
C LEU B 88 -16.48 -5.75 9.36
N GLU B 89 -17.48 -6.14 10.14
CA GLU B 89 -18.28 -5.15 10.83
C GLU B 89 -17.43 -4.36 11.84
N ARG B 90 -16.57 -5.07 12.56
N ARG B 90 -16.56 -5.07 12.55
CA ARG B 90 -15.71 -4.46 13.57
CA ARG B 90 -15.73 -4.45 13.57
C ARG B 90 -14.75 -3.46 12.92
C ARG B 90 -14.74 -3.46 12.95
N TYR B 91 -14.11 -3.87 11.85
CA TYR B 91 -13.13 -3.04 11.19
C TYR B 91 -13.79 -1.87 10.44
N LEU B 92 -15.01 -2.08 9.96
N LEU B 92 -15.02 -2.08 9.97
CA LEU B 92 -15.78 -0.99 9.35
CA LEU B 92 -15.79 -1.01 9.36
C LEU B 92 -16.08 0.12 10.35
C LEU B 92 -16.06 0.12 10.37
N HIS B 93 -16.51 -0.24 11.56
CA HIS B 93 -16.76 0.74 12.62
C HIS B 93 -15.46 1.40 13.10
N MSE B 94 -14.38 0.65 13.15
CA MSE B 94 -13.08 1.23 13.44
C MSE B 94 -12.71 2.33 12.43
O MSE B 94 -12.26 3.40 12.81
CB MSE B 94 -12.00 0.15 13.41
CG MSE B 94 -10.63 0.68 13.68
SE MSE B 94 -9.27 -0.68 13.36
CE MSE B 94 -9.50 -0.92 11.44
N LEU B 95 -12.89 2.05 11.14
CA LEU B 95 -12.62 3.05 10.11
C LEU B 95 -13.55 4.24 10.25
N GLU B 96 -14.84 3.98 10.42
CA GLU B 96 -15.79 5.09 10.61
C GLU B 96 -15.41 5.93 11.82
N ASP B 97 -15.07 5.26 12.92
CA ASP B 97 -14.71 5.98 14.15
C ASP B 97 -13.43 6.80 13.97
N ALA B 98 -12.58 6.37 13.05
CA ALA B 98 -11.36 7.11 12.75
C ALA B 98 -11.62 8.31 11.85
N GLY B 99 -12.84 8.44 11.32
CA GLY B 99 -13.16 9.50 10.37
C GLY B 99 -13.47 9.18 8.90
N ALA B 100 -13.35 7.91 8.50
CA ALA B 100 -13.71 7.52 7.13
C ALA B 100 -15.17 7.86 6.82
N GLU B 101 -15.39 8.63 5.75
N GLU B 101 -15.42 8.63 5.77
CA GLU B 101 -16.73 8.99 5.29
CA GLU B 101 -16.80 8.90 5.36
C GLU B 101 -17.22 8.08 4.18
C GLU B 101 -17.24 8.06 4.17
N CYS B 102 -16.31 7.31 3.60
CA CYS B 102 -16.62 6.44 2.49
C CYS B 102 -15.75 5.21 2.65
N ILE B 103 -16.30 4.04 2.38
CA ILE B 103 -15.58 2.78 2.60
C ILE B 103 -15.52 1.94 1.33
N VAL B 104 -14.35 1.39 1.05
CA VAL B 104 -14.12 0.54 -0.10
C VAL B 104 -13.42 -0.75 0.37
N ILE B 105 -13.84 -1.88 -0.20
CA ILE B 105 -13.30 -3.18 0.17
C ILE B 105 -12.62 -3.85 -1.00
N PRO B 106 -11.29 -3.93 -0.96
CA PRO B 106 -10.51 -4.55 -2.05
C PRO B 106 -10.50 -6.08 -1.94
N CYS B 107 -11.68 -6.66 -1.82
CA CYS B 107 -11.83 -8.10 -1.91
C CYS B 107 -13.16 -8.38 -2.62
N ASN B 108 -13.14 -9.09 -3.74
CA ASN B 108 -14.40 -9.38 -4.42
C ASN B 108 -15.29 -10.32 -3.62
N THR B 109 -14.70 -11.41 -3.12
CA THR B 109 -15.51 -12.43 -2.41
C THR B 109 -16.22 -11.80 -1.21
N ALA B 110 -15.56 -10.83 -0.55
CA ALA B 110 -16.16 -10.21 0.63
C ALA B 110 -17.46 -9.46 0.29
N HIS B 111 -17.71 -9.21 -0.99
CA HIS B 111 -18.94 -8.53 -1.35
C HIS B 111 -20.19 -9.38 -1.20
N TYR B 112 -20.00 -10.65 -0.86
CA TYR B 112 -21.16 -11.45 -0.44
C TYR B 112 -21.88 -10.74 0.71
N TRP B 113 -21.09 -10.09 1.57
CA TRP B 113 -21.61 -9.39 2.76
C TRP B 113 -21.90 -7.89 2.55
N PHE B 114 -21.75 -7.42 1.32
CA PHE B 114 -21.84 -5.98 1.04
C PHE B 114 -23.15 -5.35 1.53
N ASP B 115 -24.29 -5.92 1.13
CA ASP B 115 -25.59 -5.38 1.52
C ASP B 115 -25.77 -5.38 3.03
N ASP B 116 -25.27 -6.43 3.68
CA ASP B 116 -25.38 -6.52 5.14
C ASP B 116 -24.59 -5.42 5.80
N LEU B 117 -23.37 -5.19 5.31
CA LEU B 117 -22.54 -4.13 5.86
C LEU B 117 -23.16 -2.76 5.57
N GLN B 118 -23.75 -2.61 4.39
N GLN B 118 -23.71 -2.61 4.37
CA GLN B 118 -24.37 -1.34 4.00
CA GLN B 118 -24.41 -1.39 3.98
C GLN B 118 -25.57 -1.02 4.90
C GLN B 118 -25.44 -1.04 5.03
N ASN B 119 -26.19 -2.05 5.45
CA ASN B 119 -27.27 -1.84 6.40
C ASN B 119 -26.79 -1.23 7.71
N VAL B 120 -25.60 -1.64 8.17
CA VAL B 120 -25.05 -1.09 9.40
C VAL B 120 -24.11 0.12 9.23
N ALA B 121 -23.68 0.39 8.00
CA ALA B 121 -22.68 1.44 7.80
C ALA B 121 -23.27 2.85 7.91
N LYS B 122 -22.54 3.73 8.59
CA LYS B 122 -22.81 5.17 8.55
C LYS B 122 -22.21 5.79 7.29
N ALA B 123 -21.01 5.35 6.97
CA ALA B 123 -20.27 5.86 5.84
C ALA B 123 -20.90 5.40 4.54
N ARG B 124 -20.65 6.15 3.48
N ARG B 124 -20.66 6.16 3.48
CA ARG B 124 -21.03 5.72 2.14
CA ARG B 124 -21.01 5.76 2.13
C ARG B 124 -20.21 4.46 1.85
C ARG B 124 -20.16 4.56 1.78
N MSE B 125 -20.78 3.56 1.07
N MSE B 125 -20.73 3.60 1.06
CA MSE B 125 -20.03 2.39 0.61
CA MSE B 125 -19.95 2.45 0.62
C MSE B 125 -20.09 2.33 -0.91
C MSE B 125 -20.12 2.20 -0.87
O MSE B 125 -21.08 2.74 -1.51
O MSE B 125 -21.21 2.35 -1.42
CB MSE B 125 -20.60 1.12 1.21
CB MSE B 125 -20.32 1.21 1.45
CG MSE B 125 -20.47 1.04 2.72
CG MSE B 125 -19.81 1.30 2.88
SE MSE B 125 -20.87 -0.76 3.36
SE MSE B 125 -20.12 -0.34 3.89
CE MSE B 125 -19.22 -1.65 2.82
CE MSE B 125 -19.42 -1.64 2.59
N ILE B 126 -19.02 1.83 -1.53
CA ILE B 126 -18.97 1.69 -2.97
C ILE B 126 -18.58 0.25 -3.34
N SER B 127 -19.40 -0.39 -4.16
CA SER B 127 -19.20 -1.81 -4.51
C SER B 127 -18.17 -2.00 -5.61
N ILE B 128 -17.21 -2.88 -5.35
CA ILE B 128 -16.23 -3.24 -6.34
C ILE B 128 -16.91 -3.85 -7.57
N LEU B 129 -18.07 -4.49 -7.37
CA LEU B 129 -18.76 -5.18 -8.45
C LEU B 129 -19.28 -4.20 -9.50
N ASP B 130 -20.02 -3.19 -9.07
CA ASP B 130 -20.53 -2.18 -9.99
C ASP B 130 -19.43 -1.33 -10.60
N ALA B 131 -18.45 -0.94 -9.79
CA ALA B 131 -17.31 -0.18 -10.34
C ALA B 131 -16.64 -0.98 -11.47
N THR B 132 -16.43 -2.27 -11.24
CA THR B 132 -15.75 -3.12 -12.21
C THR B 132 -16.56 -3.29 -13.51
N LEU B 133 -17.84 -3.66 -13.39
CA LEU B 133 -18.69 -3.79 -14.59
C LEU B 133 -18.80 -2.47 -15.34
N GLY B 134 -18.78 -1.35 -14.63
CA GLY B 134 -18.89 -0.06 -15.27
C GLY B 134 -17.68 0.25 -16.14
N ASP B 135 -16.58 -0.42 -15.87
CA ASP B 135 -15.35 -0.18 -16.59
C ASP B 135 -15.10 -1.09 -17.80
N ILE B 136 -16.08 -1.92 -18.13
CA ILE B 136 -15.99 -2.78 -19.30
C ILE B 136 -16.45 -2.01 -20.55
N PRO B 137 -15.67 -2.09 -21.64
CA PRO B 137 -16.15 -1.42 -22.86
C PRO B 137 -17.53 -1.97 -23.26
N PRO B 138 -18.45 -1.08 -23.69
CA PRO B 138 -19.81 -1.49 -24.06
C PRO B 138 -19.82 -2.51 -25.17
N SER B 139 -18.76 -2.53 -25.97
CA SER B 139 -18.72 -3.51 -27.08
C SER B 139 -18.39 -4.92 -26.60
N ALA B 140 -17.88 -5.11 -25.39
CA ALA B 140 -17.55 -6.49 -25.04
C ALA B 140 -18.77 -7.08 -24.33
N ARG B 141 -19.50 -7.92 -25.08
CA ARG B 141 -20.70 -8.61 -24.61
C ARG B 141 -20.39 -9.91 -23.87
N HIS B 142 -19.33 -10.56 -24.31
CA HIS B 142 -18.96 -11.88 -23.80
C HIS B 142 -17.67 -11.74 -23.03
N VAL B 143 -17.78 -11.91 -21.72
CA VAL B 143 -16.71 -11.48 -20.85
C VAL B 143 -16.23 -12.59 -19.92
N GLY B 144 -14.92 -12.87 -19.95
CA GLY B 144 -14.32 -13.83 -19.04
C GLY B 144 -14.37 -13.37 -17.60
N LEU B 145 -14.41 -14.32 -16.67
CA LEU B 145 -14.39 -13.97 -15.26
C LEU B 145 -13.38 -14.83 -14.50
N LEU B 146 -12.37 -14.17 -13.95
CA LEU B 146 -11.37 -14.80 -13.09
C LEU B 146 -11.66 -14.41 -11.66
N ALA B 147 -12.05 -15.38 -10.84
CA ALA B 147 -12.41 -15.08 -9.47
C ALA B 147 -12.26 -16.32 -8.59
N THR B 148 -12.48 -16.17 -7.28
CA THR B 148 -12.42 -17.31 -6.38
C THR B 148 -13.58 -18.24 -6.64
N ASN B 149 -13.45 -19.49 -6.21
CA ASN B 149 -14.55 -20.43 -6.33
C ASN B 149 -15.82 -19.86 -5.68
N ALA B 150 -15.68 -19.15 -4.57
CA ALA B 150 -16.86 -18.67 -3.86
C ALA B 150 -17.55 -17.53 -4.61
N THR B 151 -16.76 -16.66 -5.20
CA THR B 151 -17.33 -15.55 -5.95
C THR B 151 -18.17 -16.13 -7.07
N LEU B 152 -17.68 -17.21 -7.68
CA LEU B 152 -18.41 -17.85 -8.77
C LEU B 152 -19.63 -18.59 -8.26
N ALA B 153 -19.44 -19.38 -7.21
CA ALA B 153 -20.51 -20.25 -6.72
C ALA B 153 -21.69 -19.46 -6.19
N THR B 154 -21.41 -18.33 -5.56
CA THR B 154 -22.47 -17.52 -4.97
C THR B 154 -23.03 -16.52 -5.98
N GLY B 155 -22.39 -16.47 -7.15
CA GLY B 155 -22.90 -15.67 -8.26
C GLY B 155 -22.84 -14.17 -8.05
N LEU B 156 -21.83 -13.69 -7.33
CA LEU B 156 -21.76 -12.27 -6.99
C LEU B 156 -21.86 -11.35 -8.21
N TYR B 157 -21.29 -11.77 -9.33
CA TYR B 157 -21.34 -10.94 -10.54
C TYR B 157 -22.56 -11.19 -11.41
N GLN B 158 -23.28 -12.29 -11.19
CA GLN B 158 -24.29 -12.75 -12.15
C GLN B 158 -25.49 -11.84 -12.35
N LYS B 159 -26.14 -11.40 -11.26
CA LYS B 159 -27.30 -10.52 -11.41
C LYS B 159 -26.92 -9.21 -12.07
N LYS B 160 -25.86 -8.59 -11.58
CA LYS B 160 -25.41 -7.32 -12.14
C LYS B 160 -25.00 -7.43 -13.61
N ALA B 161 -24.32 -8.51 -13.98
CA ALA B 161 -23.93 -8.70 -15.38
C ALA B 161 -25.15 -8.89 -16.29
N LEU B 162 -26.09 -9.71 -15.84
CA LEU B 162 -27.32 -9.94 -16.59
C LEU B 162 -28.03 -8.62 -16.85
N ALA B 163 -28.08 -7.76 -15.83
CA ALA B 163 -28.77 -6.49 -15.93
C ALA B 163 -28.13 -5.65 -17.04
N ARG B 164 -26.82 -5.79 -17.20
N ARG B 164 -26.83 -5.78 -17.22
CA ARG B 164 -26.08 -5.02 -18.19
CA ARG B 164 -26.15 -4.99 -18.23
C ARG B 164 -26.02 -5.73 -19.56
C ARG B 164 -26.05 -5.71 -19.57
N GLY B 165 -26.66 -6.89 -19.65
CA GLY B 165 -26.77 -7.62 -20.89
C GLY B 165 -25.48 -8.32 -21.26
N LEU B 166 -24.74 -8.75 -20.26
CA LEU B 166 -23.45 -9.42 -20.46
C LEU B 166 -23.59 -10.93 -20.30
N THR B 167 -22.78 -11.66 -21.05
CA THR B 167 -22.60 -13.10 -20.83
C THR B 167 -21.26 -13.33 -20.14
N LEU B 168 -21.28 -13.94 -18.97
N LEU B 168 -21.30 -13.96 -18.98
CA LEU B 168 -20.04 -14.25 -18.26
CA LEU B 168 -20.07 -14.31 -18.27
C LEU B 168 -19.51 -15.63 -18.63
C LEU B 168 -19.52 -15.61 -18.85
N ILE B 169 -18.21 -15.71 -18.91
CA ILE B 169 -17.57 -16.95 -19.28
C ILE B 169 -16.63 -17.33 -18.15
N GLN B 170 -16.84 -18.50 -17.57
N GLN B 170 -16.85 -18.48 -17.52
CA GLN B 170 -16.02 -18.94 -16.45
CA GLN B 170 -15.96 -18.88 -16.44
C GLN B 170 -15.20 -20.18 -16.83
C GLN B 170 -15.21 -20.15 -16.82
N PRO B 171 -14.03 -20.36 -16.22
CA PRO B 171 -13.24 -21.53 -16.57
C PRO B 171 -14.05 -22.77 -16.21
N GLU B 172 -13.87 -23.86 -16.93
N GLU B 172 -13.85 -23.86 -16.95
CA GLU B 172 -14.55 -25.08 -16.53
CA GLU B 172 -14.44 -25.15 -16.61
C GLU B 172 -13.85 -25.61 -15.29
C GLU B 172 -13.75 -25.72 -15.37
N ASP B 173 -14.37 -26.71 -14.73
CA ASP B 173 -13.92 -27.18 -13.42
C ASP B 173 -12.42 -27.36 -13.27
N ALA B 174 -11.79 -28.03 -14.23
CA ALA B 174 -10.35 -28.26 -14.15
C ALA B 174 -9.59 -26.94 -14.18
N GLY B 175 -9.99 -26.05 -15.07
CA GLY B 175 -9.35 -24.76 -15.20
C GLY B 175 -9.56 -23.91 -13.97
N GLN B 176 -10.77 -23.96 -13.41
CA GLN B 176 -11.08 -23.14 -12.24
C GLN B 176 -10.22 -23.54 -11.04
N ALA B 177 -9.98 -24.83 -10.87
CA ALA B 177 -9.15 -25.28 -9.77
C ALA B 177 -7.75 -24.68 -9.89
N LEU B 178 -7.29 -24.54 -11.14
CA LEU B 178 -5.96 -23.96 -11.38
C LEU B 178 -5.95 -22.46 -11.13
N VAL B 179 -7.05 -21.79 -11.47
CA VAL B 179 -7.19 -20.37 -11.17
C VAL B 179 -7.16 -20.16 -9.66
N MSE B 180 -7.89 -21.01 -8.93
CA MSE B 180 -7.95 -20.91 -7.47
C MSE B 180 -6.56 -21.14 -6.88
O MSE B 180 -6.12 -20.45 -5.96
CB MSE B 180 -8.95 -21.91 -6.92
CG MSE B 180 -9.26 -21.76 -5.44
SE MSE B 180 -10.16 -20.06 -5.07
CE MSE B 180 -10.71 -20.44 -3.25
N GLN B 181 -5.85 -22.13 -7.42
CA GLN B 181 -4.48 -22.38 -6.99
C GLN B 181 -3.58 -21.17 -7.23
N ALA B 182 -3.74 -20.53 -8.39
CA ALA B 182 -2.97 -19.31 -8.69
C ALA B 182 -3.21 -18.26 -7.61
N ILE B 183 -4.47 -17.94 -7.35
N ILE B 183 -4.48 -18.00 -7.33
CA ILE B 183 -4.82 -16.96 -6.32
CA ILE B 183 -4.89 -17.03 -6.32
C ILE B 183 -4.16 -17.28 -4.97
C ILE B 183 -4.18 -17.29 -5.01
N TYR B 184 -4.30 -18.52 -4.51
CA TYR B 184 -3.74 -18.87 -3.22
C TYR B 184 -2.23 -18.97 -3.23
N THR B 185 -1.66 -19.21 -4.40
CA THR B 185 -0.20 -19.21 -4.55
C THR B 185 0.34 -17.79 -4.40
N LEU B 186 -0.35 -16.83 -5.01
CA LEU B 186 0.02 -15.43 -4.85
C LEU B 186 -0.15 -15.07 -3.36
N LYS B 187 -1.24 -15.53 -2.74
CA LYS B 187 -1.46 -15.25 -1.32
C LYS B 187 -0.35 -15.80 -0.43
N ARG B 188 0.25 -16.91 -0.84
CA ARG B 188 1.37 -17.48 -0.11
C ARG B 188 2.67 -16.77 -0.52
N GLY B 189 2.61 -15.96 -1.57
CA GLY B 189 3.75 -15.12 -1.93
C GLY B 189 4.65 -15.55 -3.07
N ASP B 190 4.22 -16.51 -3.89
CA ASP B 190 5.05 -16.89 -5.03
C ASP B 190 4.33 -16.43 -6.31
N LYS B 191 4.81 -15.33 -6.89
CA LYS B 191 4.10 -14.71 -8.00
C LYS B 191 4.42 -15.46 -9.28
N THR B 192 5.66 -15.89 -9.39
CA THR B 192 6.12 -16.64 -10.56
C THR B 192 5.30 -17.91 -10.73
N ALA B 193 5.17 -18.67 -9.64
CA ALA B 193 4.40 -19.91 -9.70
C ALA B 193 2.94 -19.60 -10.04
N ALA B 194 2.41 -18.54 -9.44
CA ALA B 194 1.04 -18.12 -9.73
C ALA B 194 0.84 -17.79 -11.19
N GLN B 195 1.82 -17.12 -11.79
CA GLN B 195 1.68 -16.75 -13.20
C GLN B 195 1.65 -17.99 -14.09
N ALA B 196 2.51 -18.98 -13.79
CA ALA B 196 2.55 -20.18 -14.61
C ALA B 196 1.22 -20.91 -14.54
N LEU B 197 0.53 -20.80 -13.41
CA LEU B 197 -0.79 -21.40 -13.29
C LEU B 197 -1.87 -20.59 -14.01
N LEU B 198 -1.83 -19.28 -13.88
CA LEU B 198 -2.93 -18.45 -14.37
C LEU B 198 -2.91 -18.19 -15.88
N LEU B 199 -1.75 -17.88 -16.44
CA LEU B 199 -1.70 -17.39 -17.82
C LEU B 199 -2.35 -18.35 -18.82
N PRO B 200 -2.10 -19.67 -18.68
CA PRO B 200 -2.79 -20.64 -19.54
C PRO B 200 -4.32 -20.57 -19.41
N GLN B 201 -4.84 -20.21 -18.24
CA GLN B 201 -6.29 -20.09 -18.07
C GLN B 201 -6.84 -18.86 -18.78
N ILE B 202 -6.03 -17.80 -18.84
CA ILE B 202 -6.41 -16.60 -19.56
C ILE B 202 -6.52 -16.90 -21.05
N ASP B 203 -5.54 -17.61 -21.58
CA ASP B 203 -5.57 -17.97 -22.99
C ASP B 203 -6.77 -18.87 -23.33
N SER B 204 -7.11 -19.77 -22.41
CA SER B 204 -8.30 -20.63 -22.62
C SER B 204 -9.57 -19.78 -22.72
N LEU B 205 -9.69 -18.79 -21.84
CA LEU B 205 -10.83 -17.88 -21.89
C LEU B 205 -10.87 -17.15 -23.21
N ILE B 206 -9.71 -16.71 -23.68
CA ILE B 206 -9.64 -16.03 -24.96
C ILE B 206 -10.01 -16.99 -26.10
N ALA B 207 -9.51 -18.22 -26.03
CA ALA B 207 -9.79 -19.22 -27.06
C ALA B 207 -11.29 -19.55 -27.11
N ARG B 208 -11.96 -19.38 -25.96
CA ARG B 208 -13.40 -19.63 -25.86
C ARG B 208 -14.25 -18.42 -26.24
N GLY B 209 -13.61 -17.33 -26.63
CA GLY B 209 -14.35 -16.17 -27.12
C GLY B 209 -14.52 -14.98 -26.19
N ALA B 210 -13.82 -14.94 -25.07
CA ALA B 210 -13.87 -13.77 -24.20
C ALA B 210 -13.44 -12.52 -24.96
N GLN B 211 -14.26 -11.48 -24.92
CA GLN B 211 -13.92 -10.20 -25.54
C GLN B 211 -13.20 -9.24 -24.58
N ALA B 212 -13.30 -9.55 -23.30
CA ALA B 212 -12.56 -8.88 -22.24
C ALA B 212 -12.56 -9.88 -21.11
N ILE B 213 -11.67 -9.70 -20.14
CA ILE B 213 -11.67 -10.59 -18.97
C ILE B 213 -11.64 -9.76 -17.70
N ILE B 214 -12.62 -10.00 -16.85
CA ILE B 214 -12.70 -9.32 -15.58
C ILE B 214 -11.73 -9.94 -14.61
N MSE B 215 -10.85 -9.14 -14.02
CA MSE B 215 -10.02 -9.71 -12.99
C MSE B 215 -10.81 -9.44 -11.72
O MSE B 215 -10.76 -8.36 -11.13
CB MSE B 215 -8.66 -9.02 -12.99
CG MSE B 215 -7.92 -9.23 -14.32
SE MSE B 215 -6.07 -8.62 -14.37
CE MSE B 215 -6.37 -6.71 -14.51
N GLY B 216 -11.45 -10.52 -11.26
CA GLY B 216 -12.56 -10.47 -10.34
C GLY B 216 -12.14 -10.98 -8.99
N CYS B 217 -10.84 -10.98 -8.78
CA CYS B 217 -10.23 -11.30 -7.50
C CYS B 217 -9.07 -10.31 -7.43
N THR B 218 -8.88 -9.69 -6.28
CA THR B 218 -7.92 -8.60 -6.18
C THR B 218 -6.45 -9.04 -6.18
N GLU B 219 -6.18 -10.35 -6.08
CA GLU B 219 -4.80 -10.80 -6.31
C GLU B 219 -4.48 -10.99 -7.78
N ILE B 220 -5.51 -11.15 -8.61
CA ILE B 220 -5.27 -11.44 -10.03
C ILE B 220 -4.45 -10.34 -10.74
N PRO B 221 -4.76 -9.07 -10.47
CA PRO B 221 -3.95 -8.03 -11.14
C PRO B 221 -2.46 -8.11 -10.80
N LEU B 222 -2.13 -8.52 -9.57
N LEU B 222 -2.14 -8.52 -9.57
CA LEU B 222 -0.72 -8.67 -9.17
CA LEU B 222 -0.76 -8.69 -9.14
C LEU B 222 -0.05 -9.80 -9.94
C LEU B 222 -0.07 -9.79 -9.95
N ILE B 223 -0.80 -10.86 -10.22
CA ILE B 223 -0.27 -12.00 -10.95
C ILE B 223 -0.03 -11.61 -12.41
N VAL B 224 -1.00 -10.90 -12.97
CA VAL B 224 -0.99 -10.54 -14.40
C VAL B 224 -0.02 -9.42 -14.74
N ALA B 225 0.31 -8.58 -13.76
CA ALA B 225 1.01 -7.33 -14.06
C ALA B 225 2.27 -7.54 -14.88
N GLY B 226 2.34 -6.83 -16.00
CA GLY B 226 3.46 -6.92 -16.91
C GLY B 226 3.19 -7.76 -18.15
N HIS B 227 2.21 -8.65 -18.06
CA HIS B 227 1.89 -9.55 -19.17
C HIS B 227 0.74 -9.08 -20.06
N GLU B 228 0.12 -7.95 -19.72
CA GLU B 228 -1.02 -7.48 -20.51
C GLU B 228 -0.71 -7.46 -22.00
N ARG B 229 0.50 -7.07 -22.36
CA ARG B 229 0.89 -6.98 -23.76
C ARG B 229 0.82 -8.35 -24.45
N ALA B 230 1.21 -9.39 -23.73
CA ALA B 230 1.13 -10.76 -24.25
C ALA B 230 -0.31 -11.27 -24.34
N ILE B 231 -1.25 -10.53 -23.75
CA ILE B 231 -2.64 -10.98 -23.69
C ILE B 231 -3.52 -10.24 -24.70
N ALA B 232 -4.20 -11.01 -25.54
CA ALA B 232 -4.89 -10.47 -26.70
C ALA B 232 -6.16 -9.66 -26.41
N CYS B 233 -6.72 -9.78 -25.20
CA CYS B 233 -7.91 -9.00 -24.90
C CYS B 233 -7.73 -8.12 -23.68
N PRO B 234 -8.54 -7.05 -23.56
CA PRO B 234 -8.44 -6.15 -22.41
C PRO B 234 -8.78 -6.82 -21.08
N MSE B 235 -7.97 -6.56 -20.07
CA MSE B 235 -8.21 -7.09 -18.73
C MSE B 235 -8.85 -5.97 -17.94
O MSE B 235 -8.41 -4.83 -18.02
CB MSE B 235 -6.91 -7.52 -18.07
CG MSE B 235 -6.05 -8.45 -18.93
SE MSE B 235 -6.95 -10.15 -19.35
CE MSE B 235 -7.17 -10.79 -17.52
N ILE B 236 -9.90 -6.28 -17.21
CA ILE B 236 -10.60 -5.26 -16.44
C ILE B 236 -10.20 -5.42 -14.99
N ASP B 237 -9.59 -4.40 -14.42
CA ASP B 237 -8.91 -4.56 -13.15
C ASP B 237 -9.87 -4.13 -12.03
N SER B 238 -10.35 -5.08 -11.22
CA SER B 238 -11.41 -4.73 -10.24
C SER B 238 -10.90 -3.75 -9.21
N THR B 239 -9.63 -3.87 -8.83
CA THR B 239 -9.04 -2.97 -7.85
C THR B 239 -8.94 -1.54 -8.38
N ALA B 240 -8.37 -1.41 -9.58
CA ALA B 240 -8.27 -0.09 -10.22
C ALA B 240 -9.64 0.53 -10.44
N SER B 241 -10.64 -0.29 -10.83
CA SER B 241 -12.02 0.23 -11.03
C SER B 241 -12.58 0.82 -9.74
N LEU B 242 -12.35 0.12 -8.63
CA LEU B 242 -12.82 0.60 -7.33
C LEU B 242 -12.10 1.88 -6.89
N VAL B 243 -10.78 1.92 -7.10
CA VAL B 243 -10.01 3.13 -6.84
C VAL B 243 -10.55 4.33 -7.64
N ARG B 244 -10.81 4.12 -8.93
CA ARG B 244 -11.33 5.22 -9.77
C ARG B 244 -12.67 5.72 -9.23
N ALA B 245 -13.52 4.79 -8.82
CA ALA B 245 -14.83 5.15 -8.26
C ALA B 245 -14.66 5.95 -6.99
N ALA B 246 -13.75 5.54 -6.12
CA ALA B 246 -13.52 6.25 -4.87
C ALA B 246 -12.96 7.65 -5.14
N ILE B 247 -12.08 7.74 -6.13
CA ILE B 247 -11.56 9.05 -6.53
C ILE B 247 -12.69 9.98 -7.02
N ARG B 248 -13.57 9.46 -7.86
CA ARG B 248 -14.69 10.27 -8.34
C ARG B 248 -15.53 10.74 -7.13
N TRP B 249 -15.75 9.85 -6.18
CA TRP B 249 -16.52 10.21 -5.00
C TRP B 249 -15.87 11.36 -4.23
N TYR B 250 -14.58 11.23 -3.98
CA TYR B 250 -13.89 12.28 -3.27
C TYR B 250 -13.92 13.60 -4.03
N GLU B 251 -13.70 13.54 -5.34
CA GLU B 251 -13.61 14.74 -6.16
C GLU B 251 -14.96 15.45 -6.36
N SER B 252 -16.05 14.73 -6.15
N SER B 252 -16.06 14.75 -6.12
CA SER B 252 -17.42 15.31 -6.34
CA SER B 252 -17.40 15.34 -6.35
C SER B 252 -17.76 16.43 -5.34
C SER B 252 -17.89 16.30 -5.26
N TRP B 253 -17.13 16.42 -4.17
CA TRP B 253 -17.47 17.40 -3.12
C TRP B 253 -17.12 18.84 -3.50
N PRO B 254 -18.00 19.79 -3.16
CA PRO B 254 -17.74 21.19 -3.47
C PRO B 254 -16.48 21.77 -2.82
N ASP B 255 -16.02 21.21 -1.71
CA ASP B 255 -14.79 21.69 -1.06
C ASP B 255 -13.50 20.94 -1.39
N THR B 256 -13.54 20.02 -2.35
CA THR B 256 -12.32 19.29 -2.72
C THR B 256 -11.89 19.62 -4.13
C1 GLC C . -23.58 0.57 -6.60
C2 GLC C . -22.36 1.34 -6.08
C3 GLC C . -22.70 2.81 -5.85
C4 GLC C . -23.30 3.40 -7.13
C5 GLC C . -24.51 2.55 -7.54
C6 GLC C . -25.17 3.10 -8.81
O2 GLC C . -21.93 0.78 -4.86
O3 GLC C . -21.54 3.52 -5.44
O4 GLC C . -23.73 4.73 -6.90
O5 GLC C . -24.11 1.20 -7.76
O6 GLC C . -24.38 2.76 -9.92
C1 FRU C . -24.33 -1.61 -4.50
C2 FRU C . -25.18 -0.73 -5.43
C3 FRU C . -26.60 -0.48 -4.91
C4 FRU C . -27.37 -0.29 -6.21
C5 FRU C . -26.68 -1.28 -7.14
C6 FRU C . -26.71 -0.85 -8.60
O1 FRU C . -24.65 -2.99 -4.63
O2 FRU C . -24.56 0.53 -5.57
O3 FRU C . -26.67 0.65 -4.09
O4 FRU C . -28.75 -0.55 -6.04
O5 FRU C . -25.35 -1.36 -6.69
O6 FRU C . -26.45 -1.97 -9.41
C1 SIN D . 9.40 13.81 3.02
O1 SIN D . 9.60 14.72 3.85
O2 SIN D . 8.20 13.50 2.76
C2 SIN D . 10.57 13.10 2.37
C3 SIN D . 10.52 11.60 2.68
C4 SIN D . 11.57 11.20 3.71
O3 SIN D . 11.72 9.99 3.99
O4 SIN D . 12.26 12.06 4.31
MG MG E . -14.53 18.78 -5.69
C1 SIN F . -10.93 -11.39 -3.85
O1 SIN F . -10.92 -10.30 -4.46
O2 SIN F . -11.94 -12.14 -3.96
C2 SIN F . -9.74 -11.80 -3.01
C3 SIN F . -9.90 -13.25 -2.56
C4 SIN F . -10.16 -13.30 -1.06
O3 SIN F . -11.21 -13.81 -0.64
O4 SIN F . -9.34 -12.83 -0.24
#